data_1AKS
#
_entry.id   1AKS
#
_cell.length_a   77.700
_cell.length_b   53.820
_cell.length_c   47.080
_cell.angle_alpha   90.00
_cell.angle_beta   90.00
_cell.angle_gamma   90.00
#
_symmetry.space_group_name_H-M   'P 21 21 21'
#
loop_
_entity.id
_entity.type
_entity.pdbx_description
1 polymer 'ALPHA TRYPSIN'
2 polymer 'ALPHA TRYPSIN'
3 non-polymer 'CALCIUM ION'
4 water water
#
loop_
_entity_poly.entity_id
_entity_poly.type
_entity_poly.pdbx_seq_one_letter_code
_entity_poly.pdbx_strand_id
1 'polypeptide(L)'
;IVGGYTCAANSIPYQVSLNSGSHFCGGSLINSQWVVSAAHCYKSRIQVRLGEHNIDVLEGNEQFINAAKIITHPNFNGNT
LDNDIMLIKLSSPATLNSRVATVSLPRSCAAAGTECLISGWGNTK
;
A
2 'polypeptide(L)'
;SSGSSYPSLLQCLKAPVLSNSSCKSSYPGQITGNMICVGFLQGGKDSCQGDSGGPVVCNGQLQGIVSWGYGCAQKNKPGV
YTKVCNYVNWIQQTIAAN
;
B
#
# COMPACT_ATOMS: atom_id res chain seq x y z
N ILE A 1 2.42 -1.91 10.59
CA ILE A 1 3.88 -2.13 10.31
C ILE A 1 4.51 -2.68 11.59
N VAL A 2 5.03 -3.91 11.52
CA VAL A 2 5.68 -4.51 12.69
C VAL A 2 7.18 -4.31 12.54
N GLY A 3 7.81 -3.94 13.64
CA GLY A 3 9.26 -3.75 13.69
C GLY A 3 9.77 -2.58 12.89
N GLY A 4 8.92 -1.58 12.64
CA GLY A 4 9.32 -0.40 11.88
C GLY A 4 9.67 0.75 12.81
N TYR A 5 9.71 1.97 12.28
CA TYR A 5 10.03 3.17 13.07
C TYR A 5 9.03 4.26 12.71
N THR A 6 8.94 5.29 13.54
CA THR A 6 8.00 6.38 13.24
C THR A 6 8.54 7.29 12.14
N CYS A 7 7.77 7.42 11.08
CA CYS A 7 8.16 8.26 9.96
C CYS A 7 8.23 9.71 10.38
N ALA A 8 9.10 10.46 9.70
CA ALA A 8 9.26 11.89 9.90
C ALA A 8 7.92 12.47 9.41
N ALA A 9 7.41 13.47 10.11
CA ALA A 9 6.15 14.08 9.77
C ALA A 9 6.15 14.54 8.31
N ASN A 10 5.19 14.01 7.57
CA ASN A 10 4.99 14.31 6.17
C ASN A 10 6.16 13.96 5.24
N SER A 11 6.92 12.92 5.60
CA SER A 11 8.07 12.47 4.79
C SER A 11 7.63 11.47 3.73
N ILE A 12 6.34 11.07 3.78
CA ILE A 12 5.73 10.13 2.83
C ILE A 12 4.45 10.82 2.32
N PRO A 13 4.61 11.94 1.59
CA PRO A 13 3.52 12.73 1.05
C PRO A 13 2.53 12.07 0.12
N TYR A 14 2.85 10.91 -0.44
CA TYR A 14 1.92 10.23 -1.33
C TYR A 14 1.05 9.24 -0.56
N GLN A 15 1.33 9.04 0.73
CA GLN A 15 0.57 8.12 1.59
C GLN A 15 -0.81 8.68 1.97
N VAL A 16 -1.89 7.96 1.62
CA VAL A 16 -3.23 8.41 1.99
C VAL A 16 -3.84 7.40 2.98
N SER A 17 -4.87 7.82 3.71
CA SER A 17 -5.59 6.96 4.68
C SER A 17 -7.04 6.83 4.21
N LEU A 18 -7.49 5.59 3.97
CA LEU A 18 -8.86 5.35 3.56
C LEU A 18 -9.68 5.34 4.86
N ASN A 19 -10.73 6.15 4.90
CA ASN A 19 -11.54 6.30 6.10
C ASN A 19 -13.01 6.08 5.84
N SER A 20 -13.62 5.28 6.70
CA SER A 20 -15.03 5.00 6.61
C SER A 20 -15.51 5.05 8.06
N GLY A 21 -15.22 6.17 8.73
CA GLY A 21 -15.59 6.31 10.13
C GLY A 21 -14.29 6.29 10.90
N SER A 22 -13.45 5.33 10.54
CA SER A 22 -12.11 5.17 11.12
C SER A 22 -11.21 4.69 10.00
N HIS A 23 -9.90 4.81 10.19
CA HIS A 23 -8.92 4.38 9.20
C HIS A 23 -9.03 2.86 9.02
N PHE A 24 -9.16 2.40 7.79
CA PHE A 24 -9.22 0.97 7.58
C PHE A 24 -8.12 0.43 6.66
N CYS A 25 -7.63 1.25 5.73
CA CYS A 25 -6.58 0.83 4.80
C CYS A 25 -5.76 2.02 4.33
N GLY A 26 -4.61 1.72 3.73
CA GLY A 26 -3.72 2.74 3.23
C GLY A 26 -3.97 2.87 1.75
N GLY A 27 -3.19 3.71 1.08
CA GLY A 27 -3.35 3.91 -0.34
C GLY A 27 -2.25 4.84 -0.80
N SER A 28 -2.14 5.10 -2.11
CA SER A 28 -1.11 5.99 -2.66
C SER A 28 -1.69 6.92 -3.70
N LEU A 29 -1.26 8.17 -3.67
CA LEU A 29 -1.70 9.18 -4.63
C LEU A 29 -0.75 9.11 -5.81
N ILE A 30 -1.27 8.82 -6.99
CA ILE A 30 -0.41 8.71 -8.16
C ILE A 30 -0.84 9.75 -9.19
N ASN A 31 -1.76 10.61 -8.77
CA ASN A 31 -2.34 11.56 -9.65
C ASN A 31 -3.14 12.49 -8.72
N SER A 32 -3.38 13.73 -9.13
CA SER A 32 -4.11 14.65 -8.27
C SER A 32 -5.57 14.20 -8.16
N GLN A 33 -5.98 13.33 -9.09
CA GLN A 33 -7.34 12.82 -9.11
C GLN A 33 -7.53 11.35 -8.78
N TRP A 34 -6.42 10.60 -8.70
CA TRP A 34 -6.49 9.14 -8.47
C TRP A 34 -5.57 8.56 -7.41
N VAL A 35 -6.15 7.65 -6.63
CA VAL A 35 -5.49 6.91 -5.56
C VAL A 35 -5.50 5.41 -5.92
N VAL A 36 -4.40 4.71 -5.65
CA VAL A 36 -4.36 3.28 -5.91
C VAL A 36 -4.31 2.55 -4.57
N SER A 37 -5.02 1.43 -4.51
CA SER A 37 -5.10 0.64 -3.28
C SER A 37 -5.24 -0.87 -3.55
N ALA A 38 -5.70 -1.61 -2.54
CA ALA A 38 -5.95 -3.05 -2.58
C ALA A 38 -7.44 -3.35 -2.77
N ALA A 39 -7.76 -4.15 -3.77
CA ALA A 39 -9.15 -4.50 -4.04
C ALA A 39 -9.87 -5.15 -2.86
N HIS A 40 -9.12 -5.82 -1.98
CA HIS A 40 -9.72 -6.46 -0.80
C HIS A 40 -10.05 -5.45 0.32
N CYS A 41 -9.80 -4.18 0.03
CA CYS A 41 -10.07 -3.07 0.93
C CYS A 41 -11.39 -2.40 0.60
N TYR A 42 -12.06 -2.91 -0.43
CA TYR A 42 -13.33 -2.37 -0.92
C TYR A 42 -14.41 -2.11 0.13
N LYS A 43 -15.04 -0.95 -0.03
CA LYS A 43 -16.14 -0.46 0.81
C LYS A 43 -16.83 0.43 -0.20
N SER A 44 -18.15 0.49 -0.15
CA SER A 44 -18.89 1.31 -1.09
C SER A 44 -18.74 2.80 -0.77
N ARG A 45 -18.43 3.10 0.48
CA ARG A 45 -18.27 4.47 0.93
C ARG A 45 -16.88 4.59 1.52
N ILE A 46 -16.13 5.57 1.04
CA ILE A 46 -14.76 5.79 1.49
C ILE A 46 -14.41 7.27 1.46
N GLN A 47 -13.71 7.75 2.48
CA GLN A 47 -13.23 9.12 2.49
C GLN A 47 -11.70 9.04 2.46
N VAL A 48 -11.08 9.71 1.49
CA VAL A 48 -9.63 9.70 1.38
C VAL A 48 -9.00 10.83 2.21
N ARG A 49 -8.00 10.53 3.03
CA ARG A 49 -7.35 11.54 3.84
C ARG A 49 -5.89 11.66 3.51
N LEU A 50 -5.54 12.82 2.96
CA LEU A 50 -4.20 13.12 2.51
C LEU A 50 -3.55 14.09 3.46
N GLY A 51 -2.23 14.16 3.41
CA GLY A 51 -1.50 15.07 4.29
C GLY A 51 -1.47 14.68 5.75
N GLU A 52 -1.79 13.41 6.01
CA GLU A 52 -1.83 12.87 7.38
C GLU A 52 -0.52 12.36 7.96
N HIS A 53 -0.31 12.62 9.24
CA HIS A 53 0.81 12.01 9.95
C HIS A 53 0.14 11.35 11.15
N ASN A 54 -0.44 12.16 12.03
CA ASN A 54 -1.17 11.69 13.22
C ASN A 54 -2.64 11.63 12.79
N ILE A 55 -3.15 10.41 12.56
CA ILE A 55 -4.52 10.26 12.12
C ILE A 55 -5.55 10.62 13.16
N ASP A 56 -5.11 10.74 14.41
CA ASP A 56 -6.01 11.05 15.50
C ASP A 56 -6.10 12.52 15.89
N VAL A 57 -5.37 13.38 15.19
CA VAL A 57 -5.41 14.82 15.48
C VAL A 57 -5.34 15.64 14.21
N LEU A 58 -6.11 16.73 14.13
CA LEU A 58 -6.08 17.63 13.00
C LEU A 58 -4.89 18.56 13.22
N GLU A 59 -3.81 18.30 12.49
CA GLU A 59 -2.56 19.05 12.58
C GLU A 59 -2.59 20.27 11.68
N GLY A 60 -3.57 20.29 10.79
CA GLY A 60 -3.75 21.41 9.89
C GLY A 60 -3.43 21.19 8.42
N ASN A 61 -2.48 20.30 8.14
CA ASN A 61 -2.05 20.02 6.77
C ASN A 61 -2.86 18.98 5.98
N GLU A 62 -4.02 18.57 6.48
CA GLU A 62 -4.84 17.54 5.86
C GLU A 62 -5.89 18.00 4.86
N GLN A 63 -6.25 17.12 3.94
CA GLN A 63 -7.28 17.41 2.95
C GLN A 63 -8.14 16.17 2.90
N PHE A 64 -9.42 16.28 3.24
CA PHE A 64 -10.30 15.12 3.20
C PHE A 64 -11.22 15.28 2.01
N ILE A 65 -11.17 14.32 1.09
CA ILE A 65 -12.00 14.36 -0.12
C ILE A 65 -12.64 12.98 -0.27
N ASN A 66 -13.94 12.95 -0.53
CA ASN A 66 -14.59 11.66 -0.70
C ASN A 66 -14.27 11.10 -2.07
N ALA A 67 -14.30 9.77 -2.16
CA ALA A 67 -14.08 9.08 -3.42
C ALA A 67 -15.37 9.25 -4.19
N ALA A 68 -15.26 9.42 -5.50
CA ALA A 68 -16.39 9.59 -6.38
C ALA A 68 -16.59 8.32 -7.18
N LYS A 69 -15.51 7.56 -7.36
CA LYS A 69 -15.58 6.35 -8.15
C LYS A 69 -14.53 5.42 -7.58
N ILE A 70 -14.88 4.16 -7.43
CA ILE A 70 -13.98 3.13 -6.88
C ILE A 70 -14.02 1.99 -7.90
N ILE A 71 -12.89 1.70 -8.52
CA ILE A 71 -12.81 0.67 -9.55
C ILE A 71 -11.80 -0.44 -9.25
N THR A 72 -12.31 -1.59 -8.84
CA THR A 72 -11.45 -2.73 -8.56
C THR A 72 -11.13 -3.45 -9.89
N HIS A 73 -10.02 -4.18 -9.93
CA HIS A 73 -9.59 -4.89 -11.13
C HIS A 73 -10.59 -5.98 -11.47
N PRO A 74 -11.10 -5.99 -12.72
CA PRO A 74 -12.09 -6.98 -13.19
C PRO A 74 -11.72 -8.47 -13.01
N ASN A 75 -10.44 -8.77 -12.86
CA ASN A 75 -9.98 -10.14 -12.66
C ASN A 75 -9.46 -10.35 -11.24
N PHE A 76 -9.83 -9.46 -10.31
CA PHE A 76 -9.42 -9.62 -8.93
C PHE A 76 -10.01 -10.98 -8.46
N ASN A 77 -9.22 -11.81 -7.78
CA ASN A 77 -9.68 -13.12 -7.29
C ASN A 77 -9.64 -13.16 -5.75
N GLY A 78 -10.79 -13.24 -5.09
CA GLY A 78 -10.83 -13.30 -3.64
C GLY A 78 -10.17 -14.51 -2.96
N ASN A 79 -10.08 -15.61 -3.68
CA ASN A 79 -9.47 -16.83 -3.15
C ASN A 79 -7.95 -16.70 -3.19
N THR A 80 -7.43 -16.40 -4.36
CA THR A 80 -5.99 -16.28 -4.54
C THR A 80 -5.39 -14.91 -4.25
N LEU A 81 -6.22 -13.87 -4.27
CA LEU A 81 -5.80 -12.48 -4.07
C LEU A 81 -4.99 -12.02 -5.30
N ASP A 82 -5.19 -12.71 -6.41
CA ASP A 82 -4.51 -12.34 -7.64
C ASP A 82 -5.20 -11.08 -8.16
N ASN A 83 -4.40 -10.10 -8.58
CA ASN A 83 -4.88 -8.81 -9.10
C ASN A 83 -5.53 -8.01 -7.98
N ASP A 84 -4.87 -7.97 -6.84
CA ASP A 84 -5.37 -7.24 -5.68
C ASP A 84 -5.03 -5.74 -5.76
N ILE A 85 -5.76 -5.06 -6.65
CA ILE A 85 -5.57 -3.64 -6.92
C ILE A 85 -6.93 -2.98 -7.17
N MET A 86 -7.04 -1.73 -6.75
CA MET A 86 -8.25 -0.95 -6.88
C MET A 86 -7.87 0.52 -7.13
N LEU A 87 -8.60 1.16 -8.02
CA LEU A 87 -8.37 2.55 -8.35
C LEU A 87 -9.55 3.37 -7.78
N ILE A 88 -9.23 4.50 -7.16
CA ILE A 88 -10.23 5.39 -6.55
C ILE A 88 -10.11 6.82 -7.13
N LYS A 89 -11.19 7.32 -7.72
CA LYS A 89 -11.20 8.67 -8.27
C LYS A 89 -11.82 9.62 -7.22
N LEU A 90 -11.07 10.65 -6.86
CA LEU A 90 -11.54 11.63 -5.87
C LEU A 90 -12.65 12.50 -6.50
N SER A 91 -13.59 12.97 -5.67
CA SER A 91 -14.66 13.81 -6.18
C SER A 91 -14.12 15.21 -6.52
N SER A 92 -12.99 15.58 -5.96
CA SER A 92 -12.35 16.87 -6.23
C SER A 92 -10.87 16.58 -6.18
N PRO A 93 -10.12 17.13 -7.14
CA PRO A 93 -8.67 16.96 -7.24
C PRO A 93 -7.91 17.43 -6.00
N ALA A 94 -6.95 16.63 -5.54
CA ALA A 94 -6.17 17.03 -4.38
C ALA A 94 -5.16 18.12 -4.78
N THR A 95 -4.82 18.99 -3.82
CA THR A 95 -3.89 20.06 -4.08
C THR A 95 -2.53 19.62 -3.66
N LEU A 96 -1.71 19.42 -4.68
CA LEU A 96 -0.35 18.96 -4.54
C LEU A 96 0.51 20.05 -3.95
N ASN A 97 1.22 19.71 -2.89
CA ASN A 97 2.08 20.65 -2.19
C ASN A 97 3.16 19.86 -1.45
N SER A 98 3.84 20.49 -0.49
CA SER A 98 4.90 19.82 0.26
C SER A 98 4.46 18.56 1.01
N ARG A 99 3.35 18.63 1.72
CA ARG A 99 2.90 17.46 2.43
C ARG A 99 1.91 16.59 1.67
N VAL A 100 1.68 16.88 0.39
CA VAL A 100 0.76 16.10 -0.45
C VAL A 100 1.32 15.98 -1.85
N ALA A 101 1.89 14.82 -2.19
CA ALA A 101 2.50 14.64 -3.52
C ALA A 101 2.24 13.27 -4.11
N THR A 102 2.34 13.17 -5.44
CA THR A 102 2.15 11.91 -6.14
C THR A 102 3.42 11.04 -6.11
N VAL A 103 3.24 9.74 -6.37
CA VAL A 103 4.37 8.82 -6.39
C VAL A 103 4.44 8.27 -7.80
N SER A 104 5.64 8.21 -8.35
CA SER A 104 5.79 7.68 -9.69
C SER A 104 5.43 6.21 -9.80
N LEU A 105 4.83 5.88 -10.92
CA LEU A 105 4.49 4.51 -11.26
C LEU A 105 5.84 3.89 -11.72
N PRO A 106 5.96 2.55 -11.77
CA PRO A 106 7.27 2.03 -12.22
C PRO A 106 7.62 2.09 -13.70
N ARG A 107 8.88 2.41 -13.99
CA ARG A 107 9.45 2.50 -15.35
C ARG A 107 9.67 1.08 -15.84
N SER A 108 9.95 0.20 -14.89
CA SER A 108 10.14 -1.23 -15.11
C SER A 108 9.98 -1.93 -13.77
N CYS A 109 10.02 -3.26 -13.81
CA CYS A 109 9.95 -4.07 -12.59
C CYS A 109 11.30 -3.97 -11.87
N ALA A 110 11.26 -4.22 -10.57
CA ALA A 110 12.44 -4.14 -9.73
C ALA A 110 13.26 -5.43 -9.65
N ALA A 111 14.58 -5.29 -9.62
CA ALA A 111 15.48 -6.43 -9.50
C ALA A 111 15.41 -6.92 -8.04
N ALA A 112 15.76 -8.17 -7.80
CA ALA A 112 15.75 -8.72 -6.45
C ALA A 112 16.81 -8.02 -5.60
N GLY A 113 16.47 -7.80 -4.34
CA GLY A 113 17.38 -7.15 -3.41
C GLY A 113 17.22 -5.65 -3.34
N THR A 114 16.32 -5.10 -4.16
CA THR A 114 16.08 -3.67 -4.18
C THR A 114 15.44 -3.26 -2.88
N GLU A 115 16.04 -2.29 -2.22
CA GLU A 115 15.50 -1.80 -0.96
C GLU A 115 14.33 -0.88 -1.24
N CYS A 116 13.25 -1.09 -0.49
CA CYS A 116 12.04 -0.33 -0.63
C CYS A 116 11.64 0.23 0.72
N LEU A 117 10.69 1.14 0.73
CA LEU A 117 10.20 1.72 1.97
C LEU A 117 8.74 1.41 2.01
N ILE A 118 8.29 0.88 3.13
CA ILE A 118 6.89 0.49 3.33
C ILE A 118 6.35 1.34 4.48
N SER A 119 5.10 1.80 4.35
CA SER A 119 4.48 2.65 5.36
C SER A 119 2.99 2.39 5.56
N GLY A 120 2.46 2.85 6.70
CA GLY A 120 1.05 2.69 7.01
C GLY A 120 0.73 2.74 8.51
N TRP A 121 -0.54 2.84 8.82
CA TRP A 121 -1.02 2.91 10.21
C TRP A 121 -1.64 1.57 10.69
N GLY A 122 -1.17 0.47 10.10
CA GLY A 122 -1.67 -0.84 10.46
C GLY A 122 -1.10 -1.31 11.78
N ASN A 123 -1.50 -2.50 12.18
CA ASN A 123 -1.07 -3.13 13.43
C ASN A 123 0.46 -3.19 13.54
N THR A 124 0.97 -2.89 14.72
CA THR A 124 2.40 -2.90 15.03
C THR A 124 2.82 -4.08 15.89
N LYS A 125 1.89 -4.99 16.11
CA LYS A 125 2.15 -6.16 16.93
C LYS A 125 1.53 -7.42 16.35
N SER B 1 4.53 -8.69 16.88
CA SER B 1 4.42 -10.11 16.45
C SER B 1 3.21 -10.74 17.14
N SER B 2 3.07 -10.45 18.42
CA SER B 2 1.99 -11.00 19.22
C SER B 2 1.31 -9.80 19.90
N GLY B 3 -0.02 -9.80 19.90
CA GLY B 3 -0.74 -8.70 20.51
C GLY B 3 -1.40 -7.85 19.44
N SER B 4 -1.69 -6.60 19.78
CA SER B 4 -2.33 -5.69 18.84
C SER B 4 -2.08 -4.25 19.25
N SER B 5 -2.13 -3.33 18.29
CA SER B 5 -1.94 -1.90 18.54
C SER B 5 -1.76 -1.11 17.25
N TYR B 6 -2.85 -0.48 16.77
CA TYR B 6 -2.79 0.34 15.56
C TYR B 6 -2.34 1.74 16.00
N PRO B 7 -1.22 2.22 15.46
CA PRO B 7 -0.66 3.51 15.78
C PRO B 7 -1.45 4.73 15.29
N SER B 8 -1.23 5.87 15.93
CA SER B 8 -1.85 7.12 15.52
C SER B 8 -0.89 7.79 14.52
N LEU B 9 0.40 7.57 14.75
CA LEU B 9 1.49 8.10 13.92
C LEU B 9 1.89 7.12 12.78
N LEU B 10 2.28 7.68 11.64
CA LEU B 10 2.69 6.89 10.47
C LEU B 10 3.99 6.10 10.67
N GLN B 11 3.91 4.79 10.40
CA GLN B 11 5.05 3.91 10.58
C GLN B 11 5.71 3.58 9.24
N CYS B 12 7.03 3.40 9.29
CA CYS B 12 7.85 3.10 8.12
C CYS B 12 8.70 1.85 8.32
N LEU B 13 9.10 1.23 7.21
CA LEU B 13 9.93 0.04 7.26
C LEU B 13 10.68 -0.15 5.95
N LYS B 14 12.00 -0.27 6.07
CA LYS B 14 12.88 -0.51 4.90
C LYS B 14 13.03 -2.02 4.78
N ALA B 15 12.79 -2.56 3.59
CA ALA B 15 12.88 -4.00 3.37
C ALA B 15 13.21 -4.21 1.92
N PRO B 16 13.97 -5.28 1.60
CA PRO B 16 14.33 -5.55 0.19
C PRO B 16 13.40 -6.45 -0.59
N VAL B 17 13.42 -6.33 -1.91
CA VAL B 17 12.63 -7.20 -2.76
C VAL B 17 13.29 -8.58 -2.71
N LEU B 18 12.51 -9.61 -2.37
CA LEU B 18 12.99 -10.98 -2.28
C LEU B 18 12.88 -11.66 -3.65
N SER B 19 13.86 -12.51 -3.97
CA SER B 19 13.86 -13.23 -5.24
C SER B 19 12.64 -14.17 -5.23
N ASN B 20 12.01 -14.35 -6.38
CA ASN B 20 10.81 -15.18 -6.47
C ASN B 20 10.96 -16.64 -6.03
N SER B 21 12.18 -17.16 -5.94
CA SER B 21 12.36 -18.53 -5.48
C SER B 21 12.21 -18.52 -3.95
N SER B 22 12.71 -17.45 -3.34
CA SER B 22 12.62 -17.28 -1.90
C SER B 22 11.15 -16.99 -1.59
N CYS B 23 10.54 -16.22 -2.46
CA CYS B 23 9.14 -15.90 -2.30
C CYS B 23 8.34 -17.20 -2.46
N LYS B 24 8.59 -17.89 -3.57
CA LYS B 24 7.85 -19.13 -3.88
C LYS B 24 8.12 -20.28 -2.91
N SER B 25 9.30 -20.30 -2.29
CA SER B 25 9.61 -21.33 -1.31
C SER B 25 8.68 -21.17 -0.09
N SER B 26 8.43 -19.93 0.31
CA SER B 26 7.58 -19.66 1.46
C SER B 26 6.08 -19.98 1.27
N TYR B 27 5.58 -19.88 0.05
CA TYR B 27 4.15 -20.16 -0.24
C TYR B 27 3.95 -20.99 -1.49
N PRO B 28 4.20 -22.31 -1.40
CA PRO B 28 4.06 -23.26 -2.51
C PRO B 28 2.69 -23.23 -3.18
N GLY B 29 2.70 -23.06 -4.51
CA GLY B 29 1.51 -23.03 -5.34
C GLY B 29 0.55 -21.87 -5.17
N GLN B 30 0.98 -20.85 -4.42
CA GLN B 30 0.18 -19.68 -4.11
C GLN B 30 0.72 -18.32 -4.56
N ILE B 31 1.89 -18.28 -5.17
CA ILE B 31 2.42 -17.00 -5.62
C ILE B 31 2.22 -16.90 -7.14
N THR B 32 1.56 -15.84 -7.61
CA THR B 32 1.36 -15.70 -9.04
C THR B 32 2.41 -14.74 -9.62
N GLY B 33 2.35 -14.50 -10.93
CA GLY B 33 3.29 -13.60 -11.56
C GLY B 33 2.98 -12.14 -11.28
N ASN B 34 1.83 -11.92 -10.67
CA ASN B 34 1.38 -10.60 -10.33
C ASN B 34 1.63 -10.34 -8.86
N MET B 35 2.56 -11.10 -8.28
CA MET B 35 2.90 -10.99 -6.86
C MET B 35 4.39 -11.04 -6.64
N ILE B 36 4.84 -10.28 -5.63
CA ILE B 36 6.24 -10.21 -5.21
C ILE B 36 6.27 -10.21 -3.69
N CYS B 37 7.36 -10.73 -3.13
CA CYS B 37 7.55 -10.77 -1.67
C CYS B 37 8.58 -9.75 -1.36
N VAL B 38 8.34 -9.02 -0.27
CA VAL B 38 9.25 -8.00 0.20
C VAL B 38 9.32 -8.20 1.70
N GLY B 39 10.52 -8.17 2.28
CA GLY B 39 10.63 -8.37 3.71
C GLY B 39 11.85 -9.14 4.19
N PHE B 40 11.68 -9.86 5.29
CA PHE B 40 12.76 -10.64 5.89
C PHE B 40 12.26 -12.05 6.29
N LEU B 41 13.04 -13.07 5.94
CA LEU B 41 12.69 -14.46 6.25
C LEU B 41 12.80 -14.78 7.72
N GLN B 42 13.57 -13.98 8.45
CA GLN B 42 13.71 -14.22 9.87
C GLN B 42 12.46 -13.77 10.65
N GLY B 43 11.62 -12.96 10.02
CA GLY B 43 10.43 -12.46 10.71
C GLY B 43 10.72 -11.22 11.55
N GLY B 44 9.70 -10.73 12.24
CA GLY B 44 9.87 -9.56 13.09
C GLY B 44 9.64 -8.22 12.39
N LYS B 45 9.87 -8.16 11.08
CA LYS B 45 9.68 -6.94 10.26
C LYS B 45 8.73 -7.23 9.11
N ASP B 46 7.55 -6.62 9.12
CA ASP B 46 6.54 -6.89 8.09
C ASP B 46 5.42 -5.83 8.18
N SER B 47 4.56 -5.81 7.17
CA SER B 47 3.39 -4.97 7.15
C SER B 47 2.30 -5.91 7.72
N CYS B 48 1.15 -5.34 8.10
CA CYS B 48 0.08 -6.10 8.76
C CYS B 48 -1.31 -5.54 8.44
N GLN B 49 -2.31 -6.02 9.19
CA GLN B 49 -3.71 -5.57 9.06
C GLN B 49 -3.76 -4.07 9.29
N GLY B 50 -4.33 -3.35 8.33
CA GLY B 50 -4.42 -1.91 8.42
C GLY B 50 -3.47 -1.20 7.48
N ASP B 51 -2.41 -1.91 7.04
CA ASP B 51 -1.43 -1.37 6.10
C ASP B 51 -1.88 -1.71 4.69
N SER B 52 -2.87 -2.59 4.58
CA SER B 52 -3.41 -3.02 3.29
C SER B 52 -3.73 -1.85 2.38
N GLY B 53 -3.28 -1.95 1.12
CA GLY B 53 -3.50 -0.91 0.13
C GLY B 53 -2.34 0.08 0.09
N GLY B 54 -1.53 0.05 1.14
CA GLY B 54 -0.38 0.95 1.28
C GLY B 54 0.70 0.77 0.23
N PRO B 55 1.59 1.78 0.12
CA PRO B 55 2.68 1.78 -0.85
C PRO B 55 3.95 1.02 -0.48
N VAL B 56 4.59 0.47 -1.51
CA VAL B 56 5.89 -0.18 -1.36
C VAL B 56 6.68 0.59 -2.44
N VAL B 57 7.49 1.55 -2.02
CA VAL B 57 8.22 2.37 -2.98
C VAL B 57 9.72 2.13 -2.90
N CYS B 58 10.29 1.77 -4.06
CA CYS B 58 11.71 1.48 -4.19
C CYS B 58 12.26 2.32 -5.33
N ASN B 59 13.30 3.08 -5.05
CA ASN B 59 13.91 3.94 -6.07
C ASN B 59 12.92 4.91 -6.72
N GLY B 60 12.15 5.60 -5.88
CA GLY B 60 11.17 6.58 -6.30
C GLY B 60 10.00 6.04 -7.09
N GLN B 61 9.88 4.72 -7.23
CA GLN B 61 8.76 4.16 -7.98
C GLN B 61 7.92 3.20 -7.15
N LEU B 62 6.61 3.31 -7.31
CA LEU B 62 5.68 2.44 -6.60
C LEU B 62 5.77 1.05 -7.24
N GLN B 63 6.43 0.12 -6.55
CA GLN B 63 6.56 -1.26 -7.07
C GLN B 63 5.57 -2.26 -6.46
N GLY B 64 4.94 -1.89 -5.35
CA GLY B 64 4.00 -2.80 -4.71
C GLY B 64 2.88 -2.18 -3.88
N ILE B 65 1.84 -2.99 -3.66
CA ILE B 65 0.67 -2.64 -2.86
C ILE B 65 0.56 -3.71 -1.76
N VAL B 66 0.47 -3.31 -0.50
CA VAL B 66 0.34 -4.27 0.61
C VAL B 66 -0.90 -5.13 0.30
N SER B 67 -0.70 -6.43 0.11
CA SER B 67 -1.78 -7.34 -0.24
C SER B 67 -2.08 -8.45 0.79
N TRP B 68 -1.12 -9.33 1.03
CA TRP B 68 -1.36 -10.45 1.94
C TRP B 68 -0.14 -11.14 2.57
N GLY B 69 -0.41 -12.22 3.30
CA GLY B 69 0.66 -12.96 3.93
C GLY B 69 0.01 -13.95 4.88
N TYR B 70 0.84 -14.66 5.65
CA TYR B 70 0.32 -15.57 6.67
C TYR B 70 0.67 -14.86 7.98
N GLY B 71 -0.32 -14.21 8.59
CA GLY B 71 -0.06 -13.48 9.80
C GLY B 71 0.79 -12.27 9.47
N CYS B 72 1.69 -11.88 10.36
CA CYS B 72 2.55 -10.75 10.12
C CYS B 72 3.86 -11.01 10.82
N ALA B 73 4.97 -10.82 10.09
CA ALA B 73 6.30 -10.96 10.66
C ALA B 73 6.66 -12.35 11.19
N GLN B 74 6.01 -13.36 10.64
CA GLN B 74 6.27 -14.74 11.01
C GLN B 74 7.57 -15.14 10.30
N LYS B 75 8.34 -16.01 10.95
CA LYS B 75 9.58 -16.53 10.40
C LYS B 75 9.23 -17.28 9.14
N ASN B 76 9.90 -16.95 8.05
CA ASN B 76 9.72 -17.59 6.76
C ASN B 76 8.35 -17.37 6.08
N LYS B 77 7.61 -16.34 6.54
CA LYS B 77 6.33 -15.97 5.94
C LYS B 77 6.41 -14.45 5.65
N PRO B 78 7.22 -14.04 4.64
CA PRO B 78 7.31 -12.61 4.34
C PRO B 78 5.99 -12.06 3.75
N GLY B 79 5.86 -10.75 3.65
CA GLY B 79 4.63 -10.21 3.10
C GLY B 79 4.59 -10.41 1.60
N VAL B 80 3.38 -10.49 1.05
CA VAL B 80 3.20 -10.62 -0.39
C VAL B 80 2.51 -9.34 -0.89
N TYR B 81 3.05 -8.79 -1.99
CA TYR B 81 2.54 -7.55 -2.58
C TYR B 81 2.10 -7.64 -4.04
N THR B 82 1.13 -6.81 -4.41
CA THR B 82 0.65 -6.80 -5.78
C THR B 82 1.83 -6.22 -6.56
N LYS B 83 2.16 -6.81 -7.72
CA LYS B 83 3.28 -6.36 -8.55
C LYS B 83 2.78 -5.26 -9.49
N VAL B 84 2.93 -4.00 -9.07
CA VAL B 84 2.45 -2.85 -9.82
C VAL B 84 3.01 -2.69 -11.23
N CYS B 85 4.25 -3.13 -11.46
CA CYS B 85 4.86 -2.99 -12.79
C CYS B 85 4.10 -3.72 -13.89
N ASN B 86 3.22 -4.63 -13.48
CA ASN B 86 2.42 -5.37 -14.44
C ASN B 86 1.11 -4.66 -14.72
N TYR B 87 0.85 -3.57 -14.00
CA TYR B 87 -0.42 -2.90 -14.13
C TYR B 87 -0.48 -1.50 -14.69
N VAL B 88 0.65 -0.98 -15.16
CA VAL B 88 0.67 0.39 -15.69
C VAL B 88 -0.34 0.66 -16.80
N ASN B 89 -0.48 -0.27 -17.73
CA ASN B 89 -1.43 -0.11 -18.81
C ASN B 89 -2.87 -0.07 -18.32
N TRP B 90 -3.23 -0.93 -17.37
CA TRP B 90 -4.60 -0.95 -16.85
C TRP B 90 -4.87 0.37 -16.11
N ILE B 91 -3.90 0.82 -15.35
CA ILE B 91 -4.04 2.07 -14.62
C ILE B 91 -4.19 3.29 -15.56
N GLN B 92 -3.43 3.33 -16.65
CA GLN B 92 -3.51 4.43 -17.60
C GLN B 92 -4.81 4.40 -18.36
N GLN B 93 -5.17 3.20 -18.79
CA GLN B 93 -6.39 2.95 -19.53
C GLN B 93 -7.56 3.38 -18.68
N THR B 94 -7.58 2.94 -17.42
CA THR B 94 -8.67 3.27 -16.53
C THR B 94 -8.81 4.74 -16.26
N ILE B 95 -7.69 5.41 -16.01
CA ILE B 95 -7.73 6.85 -15.76
C ILE B 95 -8.22 7.64 -16.97
N ALA B 96 -7.96 7.13 -18.18
CA ALA B 96 -8.39 7.80 -19.38
C ALA B 96 -9.89 7.64 -19.64
N ALA B 97 -10.43 6.48 -19.30
CA ALA B 97 -11.83 6.19 -19.52
C ALA B 97 -12.81 6.67 -18.42
N ASN B 98 -12.29 7.23 -17.33
CA ASN B 98 -13.16 7.66 -16.24
C ASN B 98 -12.78 8.99 -15.62
#